data_6AHV
#
_entry.id   6AHV
#
_cell.length_a   73.398
_cell.length_b   129.892
_cell.length_c   116.840
_cell.angle_alpha   90.000
_cell.angle_beta   90.000
_cell.angle_gamma   90.000
#
_symmetry.space_group_name_H-M   'C 2 2 21'
#
loop_
_entity.id
_entity.type
_entity.pdbx_description
1 polymer 'Ribonuclease P protein subunit p40'
2 water water
#
_entity_poly.entity_id   1
_entity_poly.type   'polypeptide(L)'
_entity_poly.pdbx_seq_one_letter_code
;MATLRRLREAPRHLLVCEKSNFGNHKSRHRHLVQTHYYNYRVSFLIPECGILSEELKNLVMNTGPYYFVKNLPLHELITP
EFISTFIKKGSCYALTYNTHIDEDNTVALLPNGKLILSLDKDTYEETGLQGHPSQFSGRKIMKFIVSIDLMELSLNLDSK
KYERISWSFKEKKPLKFDFLLAWHKTGSEESTMMSYFSKYQIQEHQPKVALSTLRDLQCPVLQSSELEGTPEVSCRALEL
FDWLGAVFSNVDLNNEPNNFISTYCCPEPSTVVAKAYLCTITGFILPEKICLLLEHLCHYFDEPKLAPWVTLSVQGFADS
PVSWEKNEHGFRKGGEHLYNFVIFNNQDYWLQMAVGANDHCPP
;
_entity_poly.pdbx_strand_id   A
#
# COMPACT_ATOMS: atom_id res chain seq x y z
N ARG A 12 11.44 10.40 -6.57
CA ARG A 12 10.29 9.90 -7.30
C ARG A 12 10.48 10.04 -8.81
N HIS A 13 10.76 8.91 -9.47
CA HIS A 13 10.93 8.88 -10.92
C HIS A 13 9.90 7.96 -11.56
N LEU A 14 9.32 8.41 -12.66
CA LEU A 14 8.21 7.69 -13.30
C LEU A 14 8.69 6.45 -14.05
N LEU A 15 8.13 5.30 -13.69
CA LEU A 15 8.45 4.03 -14.34
C LEU A 15 7.39 3.63 -15.36
N VAL A 16 6.13 3.63 -14.91
CA VAL A 16 5.03 3.20 -15.77
C VAL A 16 3.96 4.29 -15.88
N CYS A 17 3.66 4.70 -17.11
CA CYS A 17 2.62 5.68 -17.35
C CYS A 17 1.71 5.22 -18.49
N GLU A 18 0.50 4.80 -18.15
CA GLU A 18 -0.40 4.21 -19.13
C GLU A 18 -1.78 4.85 -19.12
N LYS A 19 -2.51 4.69 -20.22
CA LYS A 19 -3.87 5.17 -20.32
C LYS A 19 -4.82 4.00 -20.53
N SER A 20 -5.95 4.02 -19.83
CA SER A 20 -6.96 2.99 -19.97
C SER A 20 -8.33 3.48 -19.53
N ASN A 21 -9.28 2.55 -19.46
CA ASN A 21 -10.63 2.89 -19.05
C ASN A 21 -11.18 1.84 -18.09
N PHE A 22 -11.85 2.30 -17.04
CA PHE A 22 -12.40 1.40 -16.02
C PHE A 22 -13.45 0.45 -16.59
N GLY A 23 -14.07 0.85 -17.70
CA GLY A 23 -15.10 0.04 -18.34
C GLY A 23 -14.53 -0.98 -19.31
N ASN A 24 -13.22 -0.91 -19.54
CA ASN A 24 -12.56 -1.83 -20.45
C ASN A 24 -12.26 -3.17 -19.78
N HIS A 25 -12.42 -4.25 -20.53
CA HIS A 25 -12.17 -5.59 -20.00
C HIS A 25 -10.69 -5.82 -19.72
N LYS A 26 -9.85 -5.10 -20.45
CA LYS A 26 -8.40 -5.27 -20.32
C LYS A 26 -7.84 -4.53 -19.11
N SER A 27 -8.64 -3.66 -18.52
CA SER A 27 -8.19 -2.86 -17.38
C SER A 27 -7.96 -3.73 -16.15
N ARG A 28 -6.72 -3.72 -15.67
CA ARG A 28 -6.33 -4.54 -14.52
C ARG A 28 -6.20 -3.70 -13.25
N HIS A 29 -6.97 -2.63 -13.17
CA HIS A 29 -6.90 -1.71 -12.04
C HIS A 29 -7.26 -2.41 -10.73
N ARG A 30 -8.15 -3.40 -10.82
CA ARG A 30 -8.55 -4.18 -9.66
C ARG A 30 -7.39 -5.03 -9.16
N HIS A 31 -6.72 -5.69 -10.09
CA HIS A 31 -5.60 -6.56 -9.76
C HIS A 31 -4.41 -5.79 -9.22
N LEU A 32 -4.18 -4.60 -9.78
CA LEU A 32 -3.06 -3.75 -9.37
C LEU A 32 -3.17 -3.34 -7.91
N VAL A 33 -4.36 -2.87 -7.53
CA VAL A 33 -4.61 -2.44 -6.15
C VAL A 33 -4.48 -3.62 -5.19
N GLN A 34 -5.04 -4.76 -5.59
CA GLN A 34 -5.08 -5.94 -4.73
C GLN A 34 -3.71 -6.56 -4.51
N THR A 35 -2.84 -6.48 -5.52
CA THR A 35 -1.53 -7.10 -5.42
C THR A 35 -0.49 -6.21 -4.74
N HIS A 36 -0.90 -4.99 -4.39
CA HIS A 36 -0.06 -4.12 -3.57
C HIS A 36 -0.59 -4.17 -2.14
N TYR A 37 -0.04 -5.10 -1.37
CA TYR A 37 -0.60 -5.50 -0.08
C TYR A 37 -0.44 -4.46 1.02
N TYR A 38 0.76 -3.88 1.13
CA TYR A 38 1.10 -3.05 2.28
C TYR A 38 1.09 -1.57 1.92
N ASN A 39 -0.03 -0.92 2.21
CA ASN A 39 -0.22 0.48 1.85
C ASN A 39 -0.20 1.38 3.08
N TYR A 40 0.67 2.39 3.06
CA TYR A 40 0.87 3.26 4.20
C TYR A 40 0.05 4.54 4.12
N ARG A 41 0.06 5.18 2.95
CA ARG A 41 -0.59 6.46 2.78
C ARG A 41 -1.51 6.48 1.56
N VAL A 42 -2.77 6.84 1.77
CA VAL A 42 -3.72 6.97 0.67
C VAL A 42 -4.26 8.39 0.60
N SER A 43 -4.08 9.03 -0.55
CA SER A 43 -4.48 10.43 -0.71
C SER A 43 -5.25 10.64 -2.00
N PHE A 44 -6.27 11.49 -1.95
CA PHE A 44 -6.98 11.88 -3.16
C PHE A 44 -7.28 13.38 -3.19
N LEU A 45 -7.47 13.92 -4.39
CA LEU A 45 -7.63 15.35 -4.58
C LEU A 45 -8.76 15.64 -5.57
N ILE A 46 -9.71 16.48 -5.16
CA ILE A 46 -10.81 16.87 -6.04
C ILE A 46 -10.86 18.38 -6.27
N PRO A 47 -10.55 18.81 -7.50
CA PRO A 47 -10.68 20.22 -7.88
C PRO A 47 -12.14 20.65 -7.96
N GLU A 48 -12.43 21.85 -7.47
CA GLU A 48 -13.79 22.38 -7.43
C GLU A 48 -14.76 21.44 -6.73
N CYS A 49 -14.54 21.26 -5.44
CA CYS A 49 -15.43 20.49 -4.59
C CYS A 49 -15.38 21.03 -3.17
N GLY A 50 -16.50 21.62 -2.73
CA GLY A 50 -16.55 22.23 -1.41
C GLY A 50 -16.78 21.22 -0.29
N ILE A 51 -17.97 20.62 -0.27
CA ILE A 51 -18.33 19.68 0.78
C ILE A 51 -18.21 18.24 0.28
N LEU A 52 -17.69 17.37 1.13
CA LEU A 52 -17.57 15.96 0.81
C LEU A 52 -18.89 15.25 1.05
N SER A 53 -19.25 14.33 0.16
CA SER A 53 -20.51 13.60 0.29
C SER A 53 -20.50 12.67 1.48
N GLU A 54 -21.69 12.32 1.97
CA GLU A 54 -21.82 11.46 3.14
C GLU A 54 -21.44 10.01 2.81
N GLU A 55 -21.73 9.60 1.59
CA GLU A 55 -21.41 8.26 1.14
C GLU A 55 -19.90 8.03 1.12
N LEU A 56 -19.17 9.05 0.72
CA LEU A 56 -17.72 8.97 0.64
C LEU A 56 -17.06 9.17 1.99
N LYS A 57 -17.61 10.09 2.79
CA LYS A 57 -17.06 10.41 4.09
C LYS A 57 -17.12 9.20 5.03
N ASN A 58 -18.17 8.40 4.90
CA ASN A 58 -18.27 7.17 5.67
C ASN A 58 -17.23 6.15 5.20
N LEU A 59 -16.98 6.15 3.90
CA LEU A 59 -16.00 5.25 3.31
C LEU A 59 -14.59 5.61 3.74
N VAL A 60 -14.31 6.91 3.79
CA VAL A 60 -13.02 7.42 4.22
C VAL A 60 -12.80 7.17 5.71
N MET A 61 -13.86 7.29 6.48
CA MET A 61 -13.77 7.16 7.94
C MET A 61 -13.72 5.70 8.40
N ASN A 62 -13.97 4.78 7.47
CA ASN A 62 -13.96 3.36 7.81
C ASN A 62 -13.01 2.53 6.95
N THR A 63 -11.76 2.99 6.84
CA THR A 63 -10.75 2.25 6.11
C THR A 63 -10.00 1.31 7.05
N GLY A 64 -10.28 1.46 8.34
CA GLY A 64 -9.69 0.60 9.34
C GLY A 64 -10.61 -0.58 9.63
N PRO A 65 -10.35 -1.30 10.72
CA PRO A 65 -9.25 -1.05 11.65
C PRO A 65 -7.99 -1.84 11.33
N TYR A 66 -6.90 -1.53 12.03
CA TYR A 66 -5.70 -2.36 11.97
C TYR A 66 -5.14 -2.50 13.37
N TYR A 67 -4.14 -3.36 13.54
CA TYR A 67 -3.66 -3.70 14.87
C TYR A 67 -2.15 -3.55 15.02
N PHE A 68 -1.69 -3.56 16.27
CA PHE A 68 -0.26 -3.46 16.56
C PHE A 68 0.11 -4.34 17.74
N VAL A 69 1.06 -5.24 17.52
CA VAL A 69 1.51 -6.17 18.55
C VAL A 69 2.99 -6.02 18.82
N LYS A 70 3.36 -5.86 20.08
CA LYS A 70 4.76 -5.70 20.47
C LYS A 70 5.43 -7.04 20.72
N ASN A 71 6.59 -7.24 20.09
CA ASN A 71 7.40 -8.45 20.27
C ASN A 71 6.61 -9.75 20.09
N LEU A 72 5.95 -9.88 18.95
CA LEU A 72 5.22 -11.10 18.63
C LEU A 72 6.16 -12.13 18.00
N PRO A 73 6.33 -13.28 18.66
CA PRO A 73 7.19 -14.34 18.14
C PRO A 73 6.62 -14.96 16.86
N LEU A 74 7.50 -15.38 15.96
CA LEU A 74 7.08 -15.89 14.65
C LEU A 74 6.38 -17.23 14.73
N HIS A 75 6.62 -17.98 15.80
CA HIS A 75 6.01 -19.30 15.95
C HIS A 75 4.50 -19.17 16.15
N GLU A 76 4.05 -17.98 16.52
CA GLU A 76 2.64 -17.71 16.73
C GLU A 76 1.89 -17.60 15.40
N LEU A 77 2.63 -17.38 14.33
CA LEU A 77 2.05 -17.18 13.01
C LEU A 77 1.99 -18.46 12.18
N ILE A 78 2.56 -19.54 12.69
CA ILE A 78 2.60 -20.79 11.94
C ILE A 78 1.83 -21.93 12.61
N THR A 79 1.16 -21.62 13.72
CA THR A 79 0.36 -22.61 14.42
C THR A 79 -0.85 -23.01 13.59
N PRO A 80 -1.34 -24.25 13.76
CA PRO A 80 -2.58 -24.68 13.11
C PRO A 80 -3.76 -23.79 13.51
N GLU A 81 -3.72 -23.25 14.73
CA GLU A 81 -4.72 -22.32 15.21
C GLU A 81 -4.82 -21.09 14.32
N PHE A 82 -3.69 -20.41 14.16
CA PHE A 82 -3.65 -19.16 13.39
C PHE A 82 -3.99 -19.37 11.92
N ILE A 83 -3.51 -20.47 11.36
CA ILE A 83 -3.73 -20.78 9.94
C ILE A 83 -5.21 -21.02 9.65
N SER A 84 -5.85 -21.84 10.48
CA SER A 84 -7.25 -22.17 10.29
C SER A 84 -8.17 -20.99 10.58
N THR A 85 -7.81 -20.19 11.57
CA THR A 85 -8.65 -19.09 12.02
C THR A 85 -8.64 -17.89 11.07
N PHE A 86 -7.45 -17.41 10.73
CA PHE A 86 -7.31 -16.16 9.99
C PHE A 86 -6.97 -16.34 8.51
N ILE A 87 -5.95 -17.15 8.23
CA ILE A 87 -5.44 -17.31 6.88
C ILE A 87 -6.45 -17.97 5.95
N LYS A 88 -7.10 -19.03 6.43
CA LYS A 88 -8.02 -19.81 5.60
C LYS A 88 -9.44 -19.24 5.56
N LYS A 89 -9.71 -18.26 6.42
CA LYS A 89 -11.05 -17.69 6.51
C LYS A 89 -11.09 -16.23 6.09
N GLY A 90 -10.08 -15.78 5.35
CA GLY A 90 -10.03 -14.42 4.86
C GLY A 90 -8.65 -14.02 4.40
N SER A 91 -8.51 -12.76 3.99
CA SER A 91 -7.24 -12.23 3.55
C SER A 91 -6.50 -11.58 4.73
N CYS A 92 -5.42 -12.25 5.16
CA CYS A 92 -4.67 -11.77 6.32
C CYS A 92 -3.40 -11.03 5.90
N TYR A 93 -3.14 -9.90 6.54
CA TYR A 93 -1.98 -9.07 6.20
C TYR A 93 -1.13 -8.79 7.44
N ALA A 94 0.19 -8.76 7.27
CA ALA A 94 1.09 -8.46 8.37
C ALA A 94 2.44 -7.94 7.87
N LEU A 95 3.07 -7.09 8.69
CA LEU A 95 4.36 -6.50 8.34
C LEU A 95 5.05 -5.98 9.59
N THR A 96 6.37 -6.14 9.66
CA THR A 96 7.13 -5.67 10.81
C THR A 96 7.18 -4.15 10.86
N TYR A 97 7.29 -3.61 12.07
CA TYR A 97 7.19 -2.18 12.29
C TYR A 97 8.50 -1.59 12.80
N ASN A 98 8.89 -0.46 12.23
CA ASN A 98 10.15 0.21 12.57
C ASN A 98 11.35 -0.72 12.44
N THR A 99 11.41 -1.45 11.33
CA THR A 99 12.54 -2.33 11.03
C THR A 99 13.02 -2.08 9.61
N HIS A 100 14.20 -1.51 9.48
CA HIS A 100 14.72 -1.09 8.18
C HIS A 100 15.28 -2.26 7.39
N ILE A 101 14.82 -2.39 6.15
CA ILE A 101 15.15 -3.52 5.28
C ILE A 101 16.63 -3.65 4.99
N ASP A 102 17.33 -2.53 4.83
CA ASP A 102 18.74 -2.57 4.46
C ASP A 102 19.62 -3.20 5.52
N GLU A 103 19.21 -3.12 6.78
CA GLU A 103 20.00 -3.65 7.87
C GLU A 103 19.20 -4.58 8.78
N ASP A 104 18.11 -4.08 9.34
CA ASP A 104 17.30 -4.85 10.28
C ASP A 104 16.50 -5.95 9.61
N ASN A 105 16.14 -6.96 10.38
CA ASN A 105 15.33 -8.06 9.87
C ASN A 105 13.90 -7.63 9.60
N THR A 106 13.28 -8.25 8.60
CA THR A 106 11.92 -7.89 8.20
C THR A 106 11.07 -9.11 7.85
N VAL A 107 9.85 -9.15 8.36
CA VAL A 107 8.93 -10.26 8.10
C VAL A 107 7.61 -9.74 7.56
N ALA A 108 7.04 -10.46 6.59
CA ALA A 108 5.75 -10.08 6.02
C ALA A 108 4.84 -11.30 5.85
N LEU A 109 3.56 -11.12 6.13
CA LEU A 109 2.56 -12.17 5.90
C LEU A 109 1.61 -11.75 4.79
N LEU A 110 1.66 -12.48 3.69
CA LEU A 110 0.85 -12.17 2.52
C LEU A 110 -0.52 -12.83 2.64
N PRO A 111 -1.54 -12.24 1.99
CA PRO A 111 -2.86 -12.89 1.93
C PRO A 111 -2.81 -14.25 1.23
N ASN A 112 -1.73 -14.51 0.52
CA ASN A 112 -1.46 -15.84 -0.03
C ASN A 112 -1.44 -16.89 1.07
N GLY A 113 -0.95 -16.50 2.24
CA GLY A 113 -0.69 -17.42 3.32
C GLY A 113 0.81 -17.60 3.44
N LYS A 114 1.53 -16.98 2.52
CA LYS A 114 2.98 -17.08 2.47
C LYS A 114 3.64 -16.16 3.50
N LEU A 115 4.48 -16.75 4.34
CA LEU A 115 5.25 -15.99 5.31
C LEU A 115 6.65 -15.72 4.76
N ILE A 116 6.92 -14.46 4.43
CA ILE A 116 8.20 -14.09 3.81
C ILE A 116 9.04 -13.23 4.75
N LEU A 117 10.21 -13.74 5.13
CA LEU A 117 11.10 -13.02 6.04
C LEU A 117 12.43 -12.68 5.38
N SER A 118 12.80 -11.40 5.47
CA SER A 118 14.07 -10.92 4.92
C SER A 118 15.09 -10.75 6.04
N LEU A 119 16.10 -11.61 6.06
CA LEU A 119 17.05 -11.64 7.17
C LEU A 119 18.47 -11.28 6.74
N ASP A 120 19.28 -10.84 7.69
CA ASP A 120 20.69 -10.58 7.43
C ASP A 120 21.46 -11.90 7.46
N LYS A 121 22.74 -11.85 7.10
CA LYS A 121 23.55 -13.05 6.98
C LYS A 121 23.68 -13.80 8.30
N ASP A 122 23.86 -13.06 9.39
CA ASP A 122 24.00 -13.68 10.71
C ASP A 122 22.73 -14.42 11.12
N THR A 123 21.60 -13.75 10.99
CA THR A 123 20.32 -14.31 11.41
C THR A 123 19.90 -15.51 10.55
N TYR A 124 20.12 -15.39 9.24
CA TYR A 124 19.74 -16.44 8.30
C TYR A 124 20.42 -17.77 8.61
N GLU A 125 21.69 -17.68 8.99
CA GLU A 125 22.45 -18.87 9.35
C GLU A 125 21.93 -19.49 10.64
N GLU A 126 21.50 -18.63 11.56
CA GLU A 126 21.06 -19.07 12.88
C GLU A 126 19.68 -19.74 12.83
N THR A 127 18.85 -19.33 11.88
CA THR A 127 17.52 -19.91 11.74
C THR A 127 17.59 -21.33 11.19
N GLY A 128 18.54 -21.56 10.28
CA GLY A 128 18.73 -22.87 9.69
C GLY A 128 17.69 -23.20 8.63
N LEU A 129 17.09 -22.16 8.07
CA LEU A 129 16.07 -22.33 7.03
C LEU A 129 16.68 -22.13 5.65
N GLN A 130 16.09 -22.77 4.65
CA GLN A 130 16.57 -22.64 3.28
C GLN A 130 15.92 -21.48 2.56
N GLY A 131 16.74 -20.52 2.16
CA GLY A 131 16.27 -19.35 1.44
C GLY A 131 17.16 -19.02 0.26
N HIS A 132 17.18 -17.75 -0.13
CA HIS A 132 17.99 -17.30 -1.25
C HIS A 132 18.56 -15.92 -0.99
N PRO A 133 19.77 -15.64 -1.50
CA PRO A 133 20.38 -14.31 -1.41
C PRO A 133 19.46 -13.24 -1.99
N SER A 134 19.25 -12.15 -1.25
CA SER A 134 18.30 -11.13 -1.66
C SER A 134 18.97 -9.87 -2.18
N GLN A 135 19.70 -9.17 -1.31
CA GLN A 135 20.41 -7.95 -1.70
C GLN A 135 21.91 -8.10 -1.53
N PHE A 136 22.66 -7.64 -2.53
CA PHE A 136 24.11 -7.80 -2.53
C PHE A 136 24.82 -6.47 -2.35
N SER A 137 26.01 -6.53 -1.76
CA SER A 137 26.88 -5.37 -1.66
C SER A 137 28.16 -5.60 -2.47
N GLY A 138 27.97 -5.99 -3.72
CA GLY A 138 29.08 -6.36 -4.58
C GLY A 138 29.20 -7.86 -4.68
N ARG A 139 30.29 -8.40 -4.14
CA ARG A 139 30.46 -9.85 -4.09
C ARG A 139 29.86 -10.41 -2.80
N LYS A 140 29.63 -9.52 -1.83
CA LYS A 140 29.11 -9.91 -0.53
C LYS A 140 27.59 -10.04 -0.55
N ILE A 141 27.05 -10.75 0.44
CA ILE A 141 25.61 -10.92 0.57
C ILE A 141 25.11 -10.28 1.86
N MET A 142 24.20 -9.32 1.74
CA MET A 142 23.69 -8.61 2.89
C MET A 142 22.37 -9.18 3.40
N LYS A 143 21.48 -9.51 2.47
CA LYS A 143 20.15 -9.96 2.85
C LYS A 143 19.76 -11.29 2.23
N PHE A 144 18.99 -12.08 2.98
CA PHE A 144 18.44 -13.33 2.49
C PHE A 144 16.93 -13.28 2.54
N ILE A 145 16.27 -14.10 1.73
CA ILE A 145 14.82 -14.19 1.75
C ILE A 145 14.36 -15.64 1.92
N VAL A 146 13.58 -15.88 2.97
CA VAL A 146 13.03 -17.19 3.22
C VAL A 146 11.52 -17.16 3.03
N SER A 147 11.02 -17.95 2.09
CA SER A 147 9.60 -17.99 1.81
C SER A 147 8.95 -19.25 2.38
N ILE A 148 7.88 -19.06 3.14
CA ILE A 148 7.19 -20.18 3.78
C ILE A 148 5.70 -20.17 3.44
N ASP A 149 5.27 -21.16 2.66
CA ASP A 149 3.87 -21.26 2.27
C ASP A 149 3.07 -22.01 3.33
N LEU A 150 2.28 -21.25 4.10
CA LEU A 150 1.51 -21.83 5.20
C LEU A 150 0.23 -22.49 4.73
N MET A 151 -0.16 -22.21 3.48
CA MET A 151 -1.33 -22.87 2.90
C MET A 151 -0.99 -24.29 2.49
N GLU A 152 0.21 -24.47 1.92
CA GLU A 152 0.68 -25.79 1.55
C GLU A 152 1.01 -26.63 2.78
N LEU A 153 1.68 -26.00 3.74
CA LEU A 153 2.10 -26.69 4.96
C LEU A 153 0.92 -27.11 5.83
N SER A 154 -0.20 -26.42 5.67
CA SER A 154 -1.40 -26.74 6.42
C SER A 154 -1.99 -28.08 5.96
N LEU A 155 -1.72 -28.42 4.71
CA LEU A 155 -2.17 -29.69 4.15
C LEU A 155 -1.48 -30.86 4.82
N ASN A 156 -0.18 -30.70 5.07
CA ASN A 156 0.59 -31.73 5.74
C ASN A 156 1.41 -31.15 6.90
N LEU A 157 0.76 -30.99 8.05
CA LEU A 157 1.41 -30.43 9.23
C LEU A 157 2.32 -31.44 9.91
N ASP A 158 2.18 -32.70 9.53
CA ASP A 158 2.97 -33.78 10.13
C ASP A 158 4.24 -34.07 9.34
N SER A 159 4.46 -33.29 8.29
CA SER A 159 5.62 -33.47 7.44
C SER A 159 6.90 -33.02 8.15
N LYS A 160 8.05 -33.47 7.64
CA LYS A 160 9.33 -33.08 8.20
C LYS A 160 9.63 -31.61 7.91
N LYS A 161 9.02 -31.10 6.84
CA LYS A 161 9.13 -29.68 6.50
C LYS A 161 8.64 -28.81 7.65
N TYR A 162 7.44 -29.10 8.14
CA TYR A 162 6.79 -28.25 9.13
C TYR A 162 7.49 -28.27 10.48
N GLU A 163 7.80 -29.45 10.99
CA GLU A 163 8.44 -29.54 12.31
C GLU A 163 9.84 -28.97 12.29
N ARG A 164 10.48 -28.97 11.13
CA ARG A 164 11.77 -28.32 10.96
C ARG A 164 11.62 -26.80 11.08
N ILE A 165 10.63 -26.27 10.36
CA ILE A 165 10.32 -24.85 10.40
C ILE A 165 9.82 -24.46 11.79
N SER A 166 9.02 -25.34 12.39
CA SER A 166 8.51 -25.12 13.74
C SER A 166 9.65 -25.11 14.76
N TRP A 167 10.57 -26.05 14.62
CA TRP A 167 11.72 -26.15 15.52
C TRP A 167 12.63 -24.93 15.39
N SER A 168 12.66 -24.36 14.20
CA SER A 168 13.48 -23.18 13.95
C SER A 168 12.89 -21.96 14.67
N PHE A 169 11.58 -21.82 14.60
CA PHE A 169 10.90 -20.66 15.18
C PHE A 169 10.75 -20.79 16.69
N LYS A 170 10.63 -22.02 17.18
CA LYS A 170 10.36 -22.26 18.58
C LYS A 170 11.62 -22.44 19.44
N GLU A 171 12.49 -23.36 19.03
CA GLU A 171 13.59 -23.78 19.90
C GLU A 171 14.96 -23.24 19.48
N LYS A 172 15.27 -23.31 18.19
CA LYS A 172 16.59 -22.91 17.72
C LYS A 172 16.79 -21.39 17.76
N LYS A 173 16.07 -20.68 16.90
CA LYS A 173 16.19 -19.22 16.84
C LYS A 173 14.83 -18.54 16.96
N PRO A 174 14.36 -18.32 18.20
CA PRO A 174 13.07 -17.67 18.47
C PRO A 174 13.09 -16.18 18.14
N LEU A 175 12.64 -15.83 16.94
CA LEU A 175 12.59 -14.42 16.53
C LEU A 175 11.29 -13.77 16.96
N LYS A 176 11.35 -12.49 17.31
CA LYS A 176 10.16 -11.73 17.69
C LYS A 176 10.22 -10.31 17.11
N PHE A 177 9.06 -9.79 16.72
CA PHE A 177 9.00 -8.49 16.07
C PHE A 177 7.75 -7.71 16.48
N ASP A 178 7.83 -6.38 16.32
CA ASP A 178 6.63 -5.55 16.42
C ASP A 178 5.88 -5.67 15.09
N PHE A 179 4.61 -6.02 15.16
CA PHE A 179 3.86 -6.33 13.94
C PHE A 179 2.66 -5.42 13.70
N LEU A 180 2.51 -5.00 12.45
CA LEU A 180 1.27 -4.38 11.99
C LEU A 180 0.34 -5.49 11.51
N LEU A 181 -0.92 -5.44 11.94
CA LEU A 181 -1.86 -6.50 11.60
C LEU A 181 -3.18 -5.96 11.06
N ALA A 182 -3.75 -6.68 10.10
CA ALA A 182 -5.05 -6.34 9.54
C ALA A 182 -5.65 -7.57 8.87
N TRP A 183 -6.98 -7.64 8.83
CA TRP A 183 -7.66 -8.84 8.35
C TRP A 183 -8.98 -8.51 7.67
N HIS A 184 -9.06 -8.81 6.37
CA HIS A 184 -10.30 -8.67 5.62
C HIS A 184 -11.10 -9.95 5.77
N LYS A 185 -12.27 -9.85 6.40
CA LYS A 185 -13.02 -11.03 6.81
C LYS A 185 -13.98 -11.55 5.74
N THR A 186 -13.74 -12.78 5.31
CA THR A 186 -14.70 -13.52 4.49
C THR A 186 -15.11 -14.76 5.28
N GLY A 187 -15.55 -14.54 6.52
CA GLY A 187 -15.83 -15.64 7.42
C GLY A 187 -17.22 -15.62 8.01
N SER A 188 -17.94 -16.73 7.86
CA SER A 188 -19.24 -16.91 8.49
C SER A 188 -19.07 -17.33 9.95
N GLU A 189 -17.86 -17.76 10.29
CA GLU A 189 -17.50 -18.09 11.67
C GLU A 189 -16.54 -17.04 12.20
N GLU A 190 -16.99 -16.26 13.18
CA GLU A 190 -16.26 -15.07 13.60
C GLU A 190 -15.44 -15.27 14.88
N SER A 191 -14.21 -14.80 14.84
CA SER A 191 -13.32 -14.77 15.98
C SER A 191 -12.28 -13.67 15.77
N THR A 192 -12.31 -12.66 16.63
CA THR A 192 -11.53 -11.44 16.43
C THR A 192 -10.06 -11.59 16.77
N MET A 193 -9.26 -10.67 16.26
CA MET A 193 -7.81 -10.69 16.45
C MET A 193 -7.41 -10.07 17.79
N MET A 194 -8.30 -9.25 18.35
CA MET A 194 -8.04 -8.61 19.63
C MET A 194 -8.09 -9.64 20.76
N SER A 195 -8.94 -10.64 20.61
CA SER A 195 -9.09 -11.68 21.62
C SER A 195 -8.02 -12.75 21.47
N TYR A 196 -7.72 -13.11 20.23
CA TYR A 196 -6.74 -14.15 19.94
C TYR A 196 -5.35 -13.76 20.45
N PHE A 197 -4.95 -12.51 20.20
CA PHE A 197 -3.66 -12.02 20.65
C PHE A 197 -3.80 -11.14 21.89
N SER A 198 -4.52 -11.63 22.90
CA SER A 198 -4.73 -10.85 24.11
C SER A 198 -3.54 -10.97 25.05
N LYS A 199 -2.87 -12.11 25.02
CA LYS A 199 -1.72 -12.35 25.87
C LYS A 199 -0.61 -11.35 25.61
N TYR A 200 -0.46 -10.97 24.34
CA TYR A 200 0.39 -9.85 23.98
C TYR A 200 -0.49 -8.61 23.91
N GLN A 201 -0.05 -7.52 24.52
CA GLN A 201 -0.87 -6.31 24.59
C GLN A 201 -1.15 -5.71 23.22
N ILE A 202 -2.09 -6.33 22.50
CA ILE A 202 -2.46 -5.89 21.16
C ILE A 202 -3.32 -4.63 21.24
N GLN A 203 -3.11 -3.72 20.30
CA GLN A 203 -3.87 -2.48 20.27
C GLN A 203 -4.72 -2.40 19.02
N GLU A 204 -5.94 -1.88 19.16
CA GLU A 204 -6.77 -1.58 18.00
C GLU A 204 -6.43 -0.17 17.52
N HIS A 205 -6.44 0.04 16.21
CA HIS A 205 -6.07 1.34 15.67
C HIS A 205 -6.96 1.74 14.49
N GLN A 206 -7.14 3.05 14.34
CA GLN A 206 -7.86 3.59 13.19
C GLN A 206 -6.93 4.52 12.43
N PRO A 207 -7.00 4.49 11.09
CA PRO A 207 -6.15 5.31 10.23
C PRO A 207 -6.38 6.80 10.42
N LYS A 208 -5.32 7.60 10.31
CA LYS A 208 -5.43 9.04 10.38
C LYS A 208 -6.11 9.58 9.14
N VAL A 209 -7.21 10.31 9.32
CA VAL A 209 -7.87 10.96 8.20
C VAL A 209 -7.68 12.47 8.29
N ALA A 210 -7.12 13.05 7.24
CA ALA A 210 -6.86 14.48 7.21
C ALA A 210 -7.49 15.15 6.00
N LEU A 211 -8.53 15.94 6.25
CA LEU A 211 -9.17 16.72 5.18
C LEU A 211 -8.60 18.13 5.12
N SER A 212 -8.06 18.49 3.97
CA SER A 212 -7.45 19.81 3.79
C SER A 212 -8.06 20.54 2.60
N THR A 213 -8.72 21.66 2.88
CA THR A 213 -9.33 22.47 1.83
C THR A 213 -8.38 23.58 1.39
N LEU A 214 -8.00 23.56 0.13
CA LEU A 214 -7.10 24.56 -0.43
C LEU A 214 -7.86 25.62 -1.22
N ARG A 215 -7.56 26.89 -0.96
CA ARG A 215 -8.23 27.99 -1.63
C ARG A 215 -7.42 28.52 -2.80
N ASP A 216 -8.12 28.78 -3.91
CA ASP A 216 -7.52 29.37 -5.11
C ASP A 216 -6.30 28.59 -5.58
N LEU A 217 -6.52 27.35 -5.97
CA LEU A 217 -5.42 26.47 -6.38
C LEU A 217 -5.28 26.40 -7.90
N GLN A 218 -4.05 26.56 -8.37
CA GLN A 218 -3.76 26.47 -9.80
C GLN A 218 -3.60 25.01 -10.20
N CYS A 219 -4.43 24.54 -11.13
CA CYS A 219 -4.42 23.14 -11.52
C CYS A 219 -4.16 22.95 -13.01
N PRO A 220 -3.35 21.94 -13.36
CA PRO A 220 -2.99 21.62 -14.74
C PRO A 220 -4.20 21.23 -15.59
N VAL A 221 -4.16 21.58 -16.88
CA VAL A 221 -5.20 21.19 -17.81
C VAL A 221 -4.77 19.93 -18.54
N LEU A 222 -5.64 18.93 -18.57
CA LEU A 222 -5.28 17.63 -19.14
C LEU A 222 -6.19 17.22 -20.29
N GLN A 223 -5.68 16.34 -21.14
CA GLN A 223 -6.48 15.68 -22.15
C GLN A 223 -6.37 14.18 -21.97
N SER A 224 -7.53 13.54 -21.76
CA SER A 224 -7.60 12.12 -21.43
C SER A 224 -6.86 11.22 -22.42
N SER A 225 -6.96 11.54 -23.70
CA SER A 225 -6.37 10.70 -24.74
C SER A 225 -4.98 11.16 -25.15
N GLU A 226 -4.39 12.07 -24.37
CA GLU A 226 -3.06 12.57 -24.67
C GLU A 226 -2.16 12.54 -23.44
N LEU A 227 -1.43 11.44 -23.28
CA LEU A 227 -0.52 11.27 -22.15
C LEU A 227 0.58 12.33 -22.16
N GLU A 228 1.17 12.53 -23.33
CA GLU A 228 2.22 13.52 -23.50
C GLU A 228 1.64 14.87 -23.93
N GLY A 229 0.32 14.91 -24.00
CA GLY A 229 -0.41 16.15 -24.25
C GLY A 229 -0.19 16.78 -25.61
N THR A 230 -0.98 17.81 -25.88
CA THR A 230 -0.79 18.64 -27.06
C THR A 230 -0.39 20.05 -26.63
N PRO A 231 0.83 20.46 -26.99
CA PRO A 231 1.46 21.73 -26.61
C PRO A 231 0.51 22.93 -26.67
N GLU A 232 0.52 23.74 -25.62
CA GLU A 232 -0.31 24.93 -25.47
C GLU A 232 -1.81 24.62 -25.32
N VAL A 233 -2.17 23.34 -25.36
CA VAL A 233 -3.55 22.94 -25.17
C VAL A 233 -3.73 22.18 -23.86
N SER A 234 -2.83 21.22 -23.61
CA SER A 234 -2.89 20.42 -22.39
C SER A 234 -1.50 20.00 -21.92
N CYS A 235 -1.37 19.76 -20.62
CA CYS A 235 -0.10 19.38 -20.02
C CYS A 235 0.19 17.90 -20.20
N ARG A 236 1.41 17.49 -19.85
CA ARG A 236 1.81 16.09 -19.94
C ARG A 236 1.46 15.36 -18.65
N ALA A 237 1.43 14.03 -18.72
CA ALA A 237 1.16 13.21 -17.54
C ALA A 237 2.32 13.29 -16.56
N LEU A 238 3.53 13.44 -17.11
CA LEU A 238 4.74 13.58 -16.29
C LEU A 238 4.69 14.86 -15.48
N GLU A 239 4.20 15.92 -16.10
CA GLU A 239 4.09 17.22 -15.45
C GLU A 239 3.09 17.19 -14.30
N LEU A 240 2.00 16.44 -14.47
CA LEU A 240 1.03 16.27 -13.40
C LEU A 240 1.64 15.52 -12.23
N PHE A 241 2.37 14.45 -12.55
CA PHE A 241 3.00 13.61 -11.55
C PHE A 241 3.89 14.40 -10.59
N ASP A 242 4.73 15.26 -11.15
CA ASP A 242 5.63 16.08 -10.34
C ASP A 242 4.87 17.15 -9.57
N TRP A 243 3.86 17.75 -10.22
CA TRP A 243 3.04 18.77 -9.58
C TRP A 243 2.23 18.18 -8.44
N LEU A 244 1.68 16.99 -8.67
CA LEU A 244 0.87 16.30 -7.68
C LEU A 244 1.69 15.95 -6.45
N GLY A 245 2.93 15.53 -6.66
CA GLY A 245 3.82 15.20 -5.56
C GLY A 245 4.22 16.44 -4.79
N ALA A 246 4.28 17.57 -5.48
CA ALA A 246 4.64 18.84 -4.88
C ALA A 246 3.53 19.35 -3.97
N VAL A 247 2.28 19.23 -4.44
CA VAL A 247 1.11 19.65 -3.68
C VAL A 247 1.03 18.89 -2.36
N PHE A 248 1.25 17.57 -2.43
CA PHE A 248 1.24 16.74 -1.24
C PHE A 248 2.37 17.11 -0.30
N SER A 249 3.55 17.35 -0.86
CA SER A 249 4.74 17.67 -0.07
C SER A 249 4.52 18.89 0.83
N ASN A 250 3.83 19.90 0.29
CA ASN A 250 3.59 21.13 1.04
C ASN A 250 2.51 20.96 2.10
N VAL A 251 1.46 20.23 1.76
CA VAL A 251 0.32 20.03 2.66
C VAL A 251 0.62 18.97 3.73
N ASP A 252 1.38 17.95 3.37
CA ASP A 252 1.60 16.83 4.27
C ASP A 252 2.74 17.08 5.25
N LEU A 253 3.71 17.89 4.85
CA LEU A 253 4.87 18.17 5.69
C LEU A 253 4.49 18.93 6.94
N ASN A 254 3.65 19.95 6.78
CA ASN A 254 3.28 20.85 7.88
C ASN A 254 4.51 21.37 8.60
N ASN A 255 5.32 22.13 7.87
CA ASN A 255 6.65 22.54 8.34
C ASN A 255 6.60 23.45 9.57
N GLU A 256 7.77 23.64 10.18
CA GLU A 256 7.95 24.60 11.25
C GLU A 256 7.76 26.02 10.69
N PRO A 257 7.72 27.04 11.57
CA PRO A 257 7.51 28.43 11.10
C PRO A 257 8.47 28.92 10.01
N ASN A 258 9.47 28.12 9.63
CA ASN A 258 10.44 28.58 8.65
C ASN A 258 10.21 28.21 7.19
N ASN A 259 9.48 27.12 6.94
CA ASN A 259 9.26 26.65 5.57
C ASN A 259 7.81 26.27 5.27
N PHE A 260 6.86 27.07 5.71
CA PHE A 260 5.46 26.76 5.47
C PHE A 260 4.98 27.41 4.17
N ILE A 261 5.81 28.24 3.58
CA ILE A 261 5.50 28.85 2.28
C ILE A 261 5.85 27.89 1.15
N SER A 262 4.89 27.66 0.26
CA SER A 262 5.07 26.72 -0.85
C SER A 262 5.92 27.34 -1.95
N THR A 263 6.81 26.54 -2.53
CA THR A 263 7.74 27.04 -3.54
C THR A 263 7.50 26.45 -4.92
N TYR A 264 6.58 25.51 -5.01
CA TYR A 264 6.36 24.77 -6.27
C TYR A 264 5.60 25.61 -7.29
N CYS A 265 5.67 25.19 -8.55
CA CYS A 265 4.98 25.87 -9.64
C CYS A 265 4.08 24.90 -10.40
N CYS A 266 2.94 25.40 -10.85
CA CYS A 266 1.98 24.59 -11.59
C CYS A 266 2.23 24.68 -13.09
N PRO A 267 2.23 23.51 -13.77
CA PRO A 267 2.42 23.45 -15.21
C PRO A 267 1.31 24.17 -15.97
N GLU A 268 1.66 24.77 -17.11
CA GLU A 268 0.68 25.46 -17.94
C GLU A 268 0.59 24.79 -19.31
N PRO A 269 -0.57 24.90 -19.98
CA PRO A 269 -1.80 25.65 -19.64
C PRO A 269 -2.52 25.12 -18.40
N SER A 270 -2.93 26.02 -17.52
CA SER A 270 -3.56 25.64 -16.27
C SER A 270 -4.90 26.34 -16.06
N THR A 271 -5.52 26.05 -14.93
CA THR A 271 -6.79 26.68 -14.56
C THR A 271 -6.86 26.83 -13.04
N VAL A 272 -7.28 27.99 -12.58
CA VAL A 272 -7.39 28.25 -11.16
C VAL A 272 -8.72 27.73 -10.62
N VAL A 273 -8.67 27.06 -9.47
CA VAL A 273 -9.86 26.49 -8.85
C VAL A 273 -10.09 27.09 -7.47
N ALA A 274 -11.33 27.48 -7.20
CA ALA A 274 -11.69 28.10 -5.93
C ALA A 274 -11.60 27.13 -4.76
N LYS A 275 -12.37 26.05 -4.82
CA LYS A 275 -12.40 25.07 -3.73
C LYS A 275 -11.66 23.80 -4.13
N ALA A 276 -10.60 23.46 -3.40
CA ALA A 276 -9.84 22.26 -3.68
C ALA A 276 -9.80 21.34 -2.45
N TYR A 277 -10.44 20.18 -2.56
CA TYR A 277 -10.48 19.25 -1.44
C TYR A 277 -9.35 18.24 -1.53
N LEU A 278 -8.63 18.07 -0.43
CA LEU A 278 -7.48 17.18 -0.38
C LEU A 278 -7.56 16.30 0.87
N CYS A 279 -7.73 15.00 0.66
CA CYS A 279 -7.82 14.06 1.77
C CYS A 279 -6.60 13.15 1.83
N THR A 280 -6.19 12.80 3.04
CA THR A 280 -5.04 11.93 3.22
C THR A 280 -5.29 10.92 4.33
N ILE A 281 -5.31 9.64 3.95
CA ILE A 281 -5.49 8.57 4.93
C ILE A 281 -4.16 7.89 5.20
N THR A 282 -3.83 7.73 6.47
CA THR A 282 -2.51 7.22 6.86
C THR A 282 -2.61 6.13 7.92
N GLY A 283 -1.87 5.04 7.71
CA GLY A 283 -1.83 3.94 8.66
C GLY A 283 -1.46 2.62 8.00
N PHE A 284 -2.23 1.59 8.30
CA PHE A 284 -2.04 0.28 7.69
C PHE A 284 -3.29 -0.08 6.87
N ILE A 285 -3.37 0.46 5.66
CA ILE A 285 -4.59 0.39 4.86
C ILE A 285 -4.62 -0.86 3.98
N LEU A 286 -5.71 -1.60 4.06
CA LEU A 286 -5.90 -2.79 3.23
C LEU A 286 -6.29 -2.42 1.81
N PRO A 287 -5.80 -3.19 0.83
CA PRO A 287 -6.13 -2.98 -0.59
C PRO A 287 -7.62 -3.14 -0.88
N GLU A 288 -8.34 -3.87 -0.04
CA GLU A 288 -9.79 -4.01 -0.21
C GLU A 288 -10.50 -2.69 0.05
N LYS A 289 -9.97 -1.92 0.99
CA LYS A 289 -10.51 -0.59 1.29
C LYS A 289 -10.19 0.39 0.18
N ILE A 290 -9.00 0.27 -0.39
CA ILE A 290 -8.57 1.13 -1.49
C ILE A 290 -9.39 0.84 -2.74
N CYS A 291 -9.73 -0.43 -2.94
CA CYS A 291 -10.60 -0.82 -4.05
C CYS A 291 -11.96 -0.12 -3.93
N LEU A 292 -12.49 -0.12 -2.71
CA LEU A 292 -13.75 0.56 -2.41
C LEU A 292 -13.65 2.05 -2.72
N LEU A 293 -12.56 2.66 -2.29
CA LEU A 293 -12.34 4.09 -2.49
C LEU A 293 -12.18 4.42 -3.97
N LEU A 294 -11.44 3.57 -4.68
CA LEU A 294 -11.22 3.74 -6.11
C LEU A 294 -12.52 3.59 -6.89
N GLU A 295 -13.37 2.68 -6.44
CA GLU A 295 -14.65 2.44 -7.09
C GLU A 295 -15.56 3.66 -6.97
N HIS A 296 -15.54 4.30 -5.81
CA HIS A 296 -16.37 5.48 -5.56
C HIS A 296 -15.89 6.66 -6.39
N LEU A 297 -14.57 6.88 -6.40
CA LEU A 297 -13.98 7.98 -7.16
C LEU A 297 -14.20 7.79 -8.65
N CYS A 298 -14.33 6.53 -9.07
CA CYS A 298 -14.63 6.21 -10.45
C CYS A 298 -16.03 6.66 -10.82
N HIS A 299 -16.97 6.45 -9.90
CA HIS A 299 -18.37 6.81 -10.13
C HIS A 299 -18.69 8.20 -9.59
N TYR A 300 -17.65 8.97 -9.30
CA TYR A 300 -17.81 10.35 -8.84
C TYR A 300 -18.39 11.21 -9.96
N PHE A 301 -18.18 10.78 -11.20
CA PHE A 301 -18.63 11.54 -12.36
C PHE A 301 -19.89 10.97 -12.97
N ASP A 302 -20.61 10.13 -12.22
CA ASP A 302 -21.91 9.66 -12.66
C ASP A 302 -22.87 10.84 -12.75
N GLU A 303 -22.83 11.70 -11.75
CA GLU A 303 -23.49 12.99 -11.81
C GLU A 303 -22.53 14.00 -12.42
N PRO A 304 -23.06 14.95 -13.21
CA PRO A 304 -22.22 16.01 -13.78
C PRO A 304 -21.52 16.82 -12.69
N LYS A 305 -20.23 17.08 -12.86
CA LYS A 305 -19.46 17.79 -11.85
C LYS A 305 -18.71 18.97 -12.46
N LEU A 306 -18.11 19.78 -11.60
CA LEU A 306 -17.32 20.93 -12.04
C LEU A 306 -15.87 20.53 -12.20
N ALA A 307 -15.50 19.41 -11.59
CA ALA A 307 -14.15 18.88 -11.66
C ALA A 307 -13.84 18.34 -13.05
N PRO A 308 -12.66 18.69 -13.60
CA PRO A 308 -12.22 18.11 -14.87
C PRO A 308 -11.73 16.68 -14.67
N TRP A 309 -11.20 16.40 -13.48
CA TRP A 309 -10.65 15.10 -13.14
C TRP A 309 -10.41 14.99 -11.64
N VAL A 310 -10.23 13.77 -11.16
CA VAL A 310 -9.84 13.55 -9.77
C VAL A 310 -8.62 12.63 -9.72
N THR A 311 -7.96 12.60 -8.56
CA THR A 311 -6.69 11.90 -8.41
C THR A 311 -6.73 10.93 -7.24
N LEU A 312 -6.16 9.73 -7.42
CA LEU A 312 -6.00 8.81 -6.30
C LEU A 312 -4.54 8.35 -6.19
N SER A 313 -3.92 8.62 -5.05
CA SER A 313 -2.51 8.29 -4.85
C SER A 313 -2.31 7.32 -3.68
N VAL A 314 -1.43 6.34 -3.88
CA VAL A 314 -1.16 5.35 -2.84
C VAL A 314 0.34 5.13 -2.65
N GLN A 315 0.81 5.31 -1.42
CA GLN A 315 2.21 5.05 -1.09
C GLN A 315 2.33 3.83 -0.20
N GLY A 316 3.29 2.97 -0.53
CA GLY A 316 3.52 1.75 0.25
C GLY A 316 4.57 1.93 1.33
N PHE A 317 4.95 0.83 1.96
CA PHE A 317 5.99 0.86 2.98
C PHE A 317 7.36 0.64 2.36
N ALA A 318 8.35 1.41 2.79
CA ALA A 318 9.70 1.31 2.26
C ALA A 318 10.36 0.00 2.69
N ASP A 319 10.06 -0.44 3.91
CA ASP A 319 10.74 -1.60 4.48
C ASP A 319 9.89 -2.87 4.40
N SER A 320 9.57 -3.28 3.18
CA SER A 320 8.87 -4.54 2.95
C SER A 320 9.67 -5.40 1.99
N PRO A 321 9.68 -6.72 2.22
CA PRO A 321 10.44 -7.68 1.40
C PRO A 321 10.18 -7.57 -0.10
N VAL A 322 11.21 -7.84 -0.90
CA VAL A 322 11.08 -7.78 -2.35
C VAL A 322 11.26 -9.17 -2.95
N SER A 323 10.15 -9.78 -3.35
CA SER A 323 10.17 -11.15 -3.87
C SER A 323 10.88 -11.23 -5.22
N TRP A 324 11.03 -12.45 -5.72
CA TRP A 324 11.70 -12.68 -7.00
C TRP A 324 10.72 -12.72 -8.15
N GLU A 325 9.42 -12.77 -7.83
CA GLU A 325 8.38 -12.77 -8.84
C GLU A 325 8.10 -11.35 -9.33
N LYS A 326 8.04 -11.19 -10.64
CA LYS A 326 7.85 -9.87 -11.23
C LYS A 326 6.37 -9.63 -11.55
N ASN A 327 5.94 -8.38 -11.43
CA ASN A 327 4.55 -8.04 -11.74
C ASN A 327 4.32 -7.96 -13.24
N GLU A 328 3.12 -7.52 -13.62
CA GLU A 328 2.73 -7.47 -15.03
C GLU A 328 3.42 -6.32 -15.77
N HIS A 329 4.11 -5.46 -15.03
CA HIS A 329 4.74 -4.29 -15.62
C HIS A 329 6.26 -4.44 -15.72
N GLY A 330 6.75 -5.65 -15.46
CA GLY A 330 8.13 -5.99 -15.77
C GLY A 330 9.19 -5.83 -14.70
N PHE A 331 8.78 -5.57 -13.46
CA PHE A 331 9.74 -5.49 -12.36
C PHE A 331 9.23 -6.17 -11.09
N ARG A 332 10.16 -6.47 -10.20
CA ARG A 332 9.87 -7.30 -9.03
C ARG A 332 8.89 -6.67 -8.05
N LYS A 333 7.98 -7.51 -7.55
CA LYS A 333 6.95 -7.10 -6.61
C LYS A 333 7.52 -6.88 -5.21
N GLY A 334 7.02 -5.85 -4.53
CA GLY A 334 7.48 -5.54 -3.18
C GLY A 334 8.13 -4.18 -3.10
N GLY A 335 8.72 -3.88 -1.94
CA GLY A 335 9.37 -2.58 -1.73
C GLY A 335 8.37 -1.46 -1.65
N GLU A 336 8.85 -0.23 -1.62
CA GLU A 336 7.97 0.93 -1.57
C GLU A 336 7.38 1.22 -2.94
N HIS A 337 6.09 0.93 -3.08
CA HIS A 337 5.38 1.27 -4.30
C HIS A 337 4.80 2.67 -4.19
N LEU A 338 4.47 3.27 -5.33
CA LEU A 338 3.89 4.61 -5.35
C LEU A 338 3.15 4.80 -6.65
N TYR A 339 1.84 4.61 -6.63
CA TYR A 339 1.06 4.72 -7.86
C TYR A 339 -0.06 5.76 -7.79
N ASN A 340 -0.38 6.33 -8.95
CA ASN A 340 -1.44 7.32 -9.04
C ASN A 340 -2.53 6.88 -10.02
N PHE A 341 -3.77 7.24 -9.71
CA PHE A 341 -4.88 7.09 -10.64
C PHE A 341 -5.44 8.46 -10.98
N VAL A 342 -5.29 8.88 -12.23
CA VAL A 342 -5.88 10.14 -12.67
C VAL A 342 -7.21 9.85 -13.34
N ILE A 343 -8.30 10.11 -12.64
CA ILE A 343 -9.63 9.70 -13.11
C ILE A 343 -10.38 10.82 -13.81
N PHE A 344 -10.73 10.59 -15.08
CA PHE A 344 -11.47 11.57 -15.86
C PHE A 344 -12.96 11.26 -15.85
N ASN A 345 -13.76 12.14 -16.45
CA ASN A 345 -15.21 12.06 -16.33
C ASN A 345 -15.87 11.05 -17.26
N ASN A 346 -15.08 10.40 -18.10
CA ASN A 346 -15.61 9.37 -18.99
C ASN A 346 -15.05 8.00 -18.62
N GLN A 347 -14.71 7.85 -17.35
CA GLN A 347 -14.15 6.61 -16.79
C GLN A 347 -12.81 6.24 -17.41
N ASP A 348 -12.22 7.18 -18.16
CA ASP A 348 -10.85 7.05 -18.63
C ASP A 348 -9.92 7.37 -17.48
N TYR A 349 -8.77 6.70 -17.43
CA TYR A 349 -7.83 6.97 -16.35
C TYR A 349 -6.37 6.83 -16.78
N TRP A 350 -5.50 7.52 -16.04
CA TRP A 350 -4.05 7.38 -16.20
C TRP A 350 -3.50 6.57 -15.04
N LEU A 351 -2.68 5.57 -15.37
CA LEU A 351 -1.99 4.79 -14.34
C LEU A 351 -0.53 5.18 -14.31
N GLN A 352 -0.07 5.71 -13.17
CA GLN A 352 1.32 6.12 -13.02
C GLN A 352 1.97 5.36 -11.87
N MET A 353 3.23 4.99 -12.05
CA MET A 353 3.97 4.26 -11.01
C MET A 353 5.39 4.81 -10.87
N ALA A 354 5.95 4.74 -9.67
CA ALA A 354 7.25 5.32 -9.41
C ALA A 354 8.04 4.57 -8.35
N VAL A 355 9.33 4.87 -8.27
CA VAL A 355 10.23 4.27 -7.28
C VAL A 355 11.09 5.37 -6.66
N GLY A 356 11.47 5.20 -5.40
CA GLY A 356 12.33 6.15 -4.73
C GLY A 356 13.67 5.56 -4.33
#